data_3OUJ
#
_entry.id   3OUJ
#
_cell.length_a   72.298
_cell.length_b   72.298
_cell.length_c   46.496
_cell.angle_alpha   90.00
_cell.angle_beta   90.00
_cell.angle_gamma   90.00
#
_symmetry.space_group_name_H-M   'P 41'
#
loop_
_entity.id
_entity.type
_entity.pdbx_description
1 polymer 'Egl nine homolog 1'
2 non-polymer 'SULFATE ION'
3 non-polymer 'FE (II) ION'
4 non-polymer '2-OXOGLUTARIC ACID'
5 water water
#
_entity_poly.entity_id   1
_entity_poly.type   'polypeptide(L)'
_entity_poly.pdbx_seq_one_letter_code
;SPNGQTKPLPALKLALEYIVPCMNKHGICVVDDFLGKETGQQIGDEVRALHDTGKFTDGQLVSQKSDSSKDIRGDKITWI
EGKEPGCETIGLLMSSMDDLIRHCNGKLGSYKINGRTKAMVACYPGNGTGYVRHVDNPNGDGRCVTCIYYLNKDWDAKVS
GGILRIFPEGKAQFADIEPKFDRLLFFWSDRRNPHEVQPAYATRYAITVWYFDADERARAKVKYLTGEKGVRVELNK
;
_entity_poly.pdbx_strand_id   A
#
# COMPACT_ATOMS: atom_id res chain seq x y z
N GLY A 4 -22.73 -16.08 6.61
CA GLY A 4 -24.11 -16.37 7.10
C GLY A 4 -24.62 -15.32 8.07
N GLN A 5 -23.77 -14.97 9.04
CA GLN A 5 -24.07 -13.93 10.03
C GLN A 5 -23.25 -12.65 9.80
N THR A 6 -22.38 -12.68 8.80
CA THR A 6 -21.42 -11.60 8.58
C THR A 6 -21.96 -10.60 7.56
N LYS A 7 -21.63 -9.33 7.77
CA LYS A 7 -21.98 -8.27 6.83
C LYS A 7 -20.86 -7.24 6.76
N PRO A 8 -20.60 -6.70 5.55
CA PRO A 8 -19.52 -5.72 5.45
C PRO A 8 -19.87 -4.43 6.16
N LEU A 9 -18.89 -3.78 6.76
CA LEU A 9 -19.10 -2.44 7.32
C LEU A 9 -19.14 -1.48 6.14
N PRO A 10 -20.11 -0.55 6.10
CA PRO A 10 -20.01 0.47 5.05
C PRO A 10 -18.75 1.33 5.21
N ALA A 11 -18.25 1.81 4.09
CA ALA A 11 -17.02 2.55 4.04
C ALA A 11 -17.01 3.73 5.03
N LEU A 12 -18.11 4.45 5.12
CA LEU A 12 -18.22 5.63 5.99
C LEU A 12 -18.00 5.27 7.46
N LYS A 13 -18.49 4.10 7.82
CA LYS A 13 -18.44 3.64 9.18
C LYS A 13 -17.01 3.17 9.49
N LEU A 14 -16.49 2.28 8.67
CA LEU A 14 -15.10 1.85 8.79
C LEU A 14 -14.18 3.07 8.88
N ALA A 15 -14.39 4.03 7.98
CA ALA A 15 -13.56 5.23 7.91
C ALA A 15 -13.60 6.03 9.22
N LEU A 16 -14.79 6.43 9.64
CA LEU A 16 -14.94 7.37 10.75
C LEU A 16 -14.89 6.73 12.14
N GLU A 17 -15.24 5.46 12.27
CA GLU A 17 -15.20 4.82 13.57
C GLU A 17 -13.88 4.08 13.85
N TYR A 18 -13.10 3.77 12.81
CA TYR A 18 -11.89 2.98 12.98
C TYR A 18 -10.66 3.63 12.37
N ILE A 19 -10.67 3.89 11.07
CA ILE A 19 -9.46 4.38 10.40
C ILE A 19 -8.99 5.74 10.92
N VAL A 20 -9.89 6.71 10.97
CA VAL A 20 -9.53 8.05 11.41
C VAL A 20 -8.96 8.07 12.86
N PRO A 21 -9.69 7.48 13.85
CA PRO A 21 -9.12 7.44 15.20
C PRO A 21 -7.79 6.69 15.26
N CYS A 22 -7.73 5.52 14.65
CA CYS A 22 -6.54 4.68 14.70
C CYS A 22 -5.32 5.36 14.06
N MET A 23 -5.50 5.98 12.90
CA MET A 23 -4.42 6.75 12.25
C MET A 23 -3.95 7.95 13.08
N ASN A 24 -4.88 8.71 13.63
CA ASN A 24 -4.53 9.91 14.41
C ASN A 24 -3.87 9.63 15.76
N LYS A 25 -4.10 8.44 16.32
CA LYS A 25 -3.39 7.99 17.53
C LYS A 25 -2.08 7.30 17.20
N HIS A 26 -2.11 6.37 16.26
CA HIS A 26 -1.01 5.44 16.06
C HIS A 26 -0.21 5.67 14.79
N GLY A 27 -0.80 6.32 13.80
CA GLY A 27 -0.14 6.51 12.51
C GLY A 27 -0.02 5.24 11.68
N ILE A 28 -0.67 4.17 12.13
CA ILE A 28 -0.69 2.89 11.43
C ILE A 28 -2.06 2.26 11.70
N CYS A 29 -2.65 1.65 10.67
CA CYS A 29 -3.99 1.06 10.78
C CYS A 29 -4.17 -0.10 9.83
N VAL A 30 -4.49 -1.27 10.41
CA VAL A 30 -4.71 -2.48 9.65
C VAL A 30 -6.20 -2.80 9.55
N VAL A 31 -6.65 -3.08 8.32
CA VAL A 31 -8.01 -3.56 8.06
C VAL A 31 -7.95 -4.91 7.37
N ASP A 32 -8.36 -5.95 8.08
CA ASP A 32 -8.44 -7.29 7.51
C ASP A 32 -9.79 -7.54 6.81
N ASP A 33 -9.80 -8.52 5.93
CA ASP A 33 -10.98 -8.86 5.12
C ASP A 33 -11.62 -7.66 4.44
N PHE A 34 -10.78 -6.88 3.75
CA PHE A 34 -11.22 -5.63 3.13
C PHE A 34 -12.24 -5.83 2.01
N LEU A 35 -11.99 -6.79 1.12
CA LEU A 35 -12.80 -6.94 -0.10
C LEU A 35 -13.52 -8.27 -0.22
N GLY A 36 -13.12 -9.26 0.59
CA GLY A 36 -13.71 -10.60 0.52
C GLY A 36 -12.83 -11.51 -0.29
N LYS A 37 -13.08 -12.80 -0.14
CA LYS A 37 -12.28 -13.86 -0.75
C LYS A 37 -12.36 -13.85 -2.28
N GLU A 38 -13.59 -13.83 -2.80
CA GLU A 38 -13.84 -13.88 -4.23
C GLU A 38 -13.01 -12.80 -4.93
N THR A 39 -13.22 -11.55 -4.53
CA THR A 39 -12.49 -10.41 -5.14
C THR A 39 -10.98 -10.47 -4.92
N GLY A 40 -10.54 -10.81 -3.72
CA GLY A 40 -9.10 -10.91 -3.42
C GLY A 40 -8.40 -12.00 -4.21
N GLN A 41 -9.14 -13.05 -4.54
CA GLN A 41 -8.64 -14.16 -5.35
C GLN A 41 -8.51 -13.72 -6.81
N GLN A 42 -9.49 -12.94 -7.28
CA GLN A 42 -9.46 -12.36 -8.62
C GLN A 42 -8.32 -11.37 -8.79
N ILE A 43 -8.02 -10.58 -7.74
CA ILE A 43 -6.89 -9.65 -7.81
C ILE A 43 -5.58 -10.41 -7.95
N GLY A 44 -5.44 -11.49 -7.17
CA GLY A 44 -4.28 -12.37 -7.24
C GLY A 44 -3.99 -12.98 -8.61
N ASP A 45 -5.07 -13.32 -9.35
CA ASP A 45 -4.95 -13.88 -10.70
C ASP A 45 -4.44 -12.82 -11.69
N GLU A 46 -5.00 -11.62 -11.60
CA GLU A 46 -4.59 -10.49 -12.44
C GLU A 46 -3.13 -10.11 -12.20
N VAL A 47 -2.71 -10.11 -10.95
CA VAL A 47 -1.33 -9.82 -10.57
C VAL A 47 -0.38 -10.94 -11.01
N ARG A 48 -0.82 -12.19 -10.83
CA ARG A 48 -0.07 -13.35 -11.34
C ARG A 48 0.03 -13.35 -12.89
N ALA A 49 -0.99 -12.85 -13.57
CA ALA A 49 -0.97 -12.75 -15.03
C ALA A 49 0.09 -11.76 -15.48
N LEU A 50 0.10 -10.58 -14.86
CA LEU A 50 1.08 -9.54 -15.14
C LEU A 50 2.49 -10.04 -14.97
N HIS A 51 2.68 -10.90 -13.97
CA HIS A 51 3.98 -11.47 -13.69
C HIS A 51 4.36 -12.51 -14.74
N ASP A 52 3.48 -13.48 -14.98
CA ASP A 52 3.74 -14.55 -15.95
C ASP A 52 4.07 -13.94 -17.33
N THR A 53 3.29 -12.95 -17.73
CA THR A 53 3.43 -12.32 -19.02
C THR A 53 4.60 -11.32 -19.10
N GLY A 54 5.32 -11.13 -18.01
CA GLY A 54 6.57 -10.37 -18.01
C GLY A 54 6.44 -8.86 -18.03
N LYS A 55 5.44 -8.33 -17.32
CA LYS A 55 5.25 -6.88 -17.22
C LYS A 55 6.00 -6.17 -16.08
N PHE A 56 6.73 -6.92 -15.25
CA PHE A 56 7.41 -6.33 -14.08
C PHE A 56 8.85 -5.86 -14.36
N THR A 57 9.25 -4.77 -13.70
CA THR A 57 10.61 -4.21 -13.80
C THR A 57 11.31 -4.23 -12.43
N ASP A 58 12.57 -4.65 -12.40
CA ASP A 58 13.38 -4.64 -11.18
C ASP A 58 13.30 -3.32 -10.40
N GLY A 59 12.79 -3.39 -9.17
CA GLY A 59 12.69 -2.23 -8.29
C GLY A 59 14.01 -1.53 -8.03
N GLN A 60 15.10 -2.29 -7.98
CA GLN A 60 16.44 -1.74 -7.80
C GLN A 60 16.82 -0.74 -8.91
N LEU A 61 16.43 -1.02 -10.16
CA LEU A 61 16.62 -0.10 -11.29
C LEU A 61 15.95 1.24 -11.09
N VAL A 62 14.74 1.20 -10.55
CA VAL A 62 13.94 2.40 -10.34
C VAL A 62 14.53 3.27 -9.24
N SER A 63 14.93 2.65 -8.14
CA SER A 63 15.38 3.36 -6.96
C SER A 63 16.86 3.73 -7.01
N GLN A 64 17.67 2.96 -7.75
CA GLN A 64 19.13 3.11 -7.70
C GLN A 64 19.68 4.40 -8.32
N LYS A 65 20.95 4.66 -8.04
CA LYS A 65 21.70 5.79 -8.55
C LYS A 65 22.46 5.35 -9.80
N LYS A 70 24.86 0.42 -3.98
CA LYS A 70 24.43 -0.36 -2.81
C LYS A 70 23.02 -0.91 -3.04
N ASP A 71 22.84 -2.20 -2.80
CA ASP A 71 21.55 -2.83 -3.05
C ASP A 71 20.52 -2.39 -2.02
N ILE A 72 19.33 -2.04 -2.52
CA ILE A 72 18.27 -1.42 -1.74
C ILE A 72 17.06 -2.35 -1.61
N ARG A 73 16.64 -2.90 -2.73
CA ARG A 73 15.37 -3.63 -2.78
C ARG A 73 15.48 -4.77 -3.78
N GLY A 74 14.89 -5.90 -3.43
CA GLY A 74 14.89 -7.07 -4.30
C GLY A 74 13.58 -7.32 -5.00
N ASP A 75 12.68 -6.34 -5.00
CA ASP A 75 11.34 -6.51 -5.58
C ASP A 75 11.30 -6.17 -7.07
N LYS A 76 10.29 -6.67 -7.76
CA LYS A 76 9.97 -6.25 -9.14
C LYS A 76 8.66 -5.52 -9.08
N ILE A 77 8.43 -4.60 -10.02
CA ILE A 77 7.22 -3.79 -10.01
C ILE A 77 6.62 -3.41 -11.36
N THR A 78 5.37 -2.98 -11.31
CA THR A 78 4.71 -2.38 -12.46
C THR A 78 3.66 -1.41 -11.93
N TRP A 79 3.46 -0.30 -12.65
CA TRP A 79 2.41 0.66 -12.32
C TRP A 79 1.16 0.32 -13.08
N ILE A 80 0.04 0.28 -12.37
CA ILE A 80 -1.27 -0.02 -12.94
C ILE A 80 -2.22 1.16 -12.74
N GLU A 81 -2.78 1.66 -13.84
CA GLU A 81 -3.70 2.79 -13.79
C GLU A 81 -5.11 2.39 -13.29
N GLY A 82 -5.48 1.14 -13.48
CA GLY A 82 -6.81 0.67 -13.08
C GLY A 82 -7.71 0.21 -14.23
N LYS A 83 -7.54 0.80 -15.42
CA LYS A 83 -8.44 0.57 -16.56
C LYS A 83 -7.95 -0.38 -17.65
N GLU A 84 -6.75 -0.94 -17.50
CA GLU A 84 -6.12 -1.78 -18.55
C GLU A 84 -6.77 -3.16 -18.65
N PRO A 85 -6.66 -3.81 -19.83
CA PRO A 85 -7.16 -5.17 -19.96
C PRO A 85 -6.52 -6.14 -18.97
N GLY A 86 -7.37 -6.90 -18.29
CA GLY A 86 -6.93 -7.82 -17.26
C GLY A 86 -6.49 -7.14 -15.98
N CYS A 87 -7.01 -5.94 -15.72
CA CYS A 87 -6.70 -5.20 -14.50
C CYS A 87 -7.93 -4.52 -13.88
N GLU A 88 -9.12 -4.94 -14.28
CA GLU A 88 -10.38 -4.32 -13.83
C GLU A 88 -10.60 -4.43 -12.32
N THR A 89 -10.17 -5.53 -11.72
CA THR A 89 -10.38 -5.78 -10.30
C THR A 89 -9.39 -4.99 -9.45
N ILE A 90 -8.19 -4.76 -9.98
CA ILE A 90 -7.23 -3.85 -9.36
C ILE A 90 -7.83 -2.45 -9.42
N GLY A 91 -8.53 -2.16 -10.52
CA GLY A 91 -9.28 -0.93 -10.67
C GLY A 91 -10.35 -0.77 -9.60
N LEU A 92 -11.05 -1.86 -9.32
CA LEU A 92 -12.06 -1.89 -8.25
C LEU A 92 -11.40 -1.73 -6.88
N LEU A 93 -10.29 -2.44 -6.65
CA LEU A 93 -9.52 -2.26 -5.43
C LEU A 93 -9.21 -0.80 -5.17
N MET A 94 -8.70 -0.12 -6.21
CA MET A 94 -8.31 1.28 -6.14
C MET A 94 -9.49 2.19 -5.83
N SER A 95 -10.66 1.85 -6.37
CA SER A 95 -11.90 2.60 -6.10
C SER A 95 -12.39 2.41 -4.68
N SER A 96 -12.25 1.20 -4.18
CA SER A 96 -12.53 0.92 -2.78
C SER A 96 -11.61 1.69 -1.83
N MET A 97 -10.32 1.74 -2.11
CA MET A 97 -9.38 2.50 -1.28
C MET A 97 -9.76 3.98 -1.32
N ASP A 98 -10.05 4.48 -2.52
CA ASP A 98 -10.49 5.87 -2.73
C ASP A 98 -11.74 6.23 -1.94
N ASP A 99 -12.72 5.32 -1.89
CA ASP A 99 -13.94 5.59 -1.13
CA ASP A 99 -13.95 5.54 -1.12
C ASP A 99 -13.66 5.74 0.37
N LEU A 100 -12.76 4.93 0.91
CA LEU A 100 -12.37 5.06 2.32
C LEU A 100 -11.71 6.42 2.62
N ILE A 101 -10.76 6.82 1.76
CA ILE A 101 -10.02 8.06 1.95
C ILE A 101 -10.92 9.29 1.83
N ARG A 102 -11.81 9.29 0.85
CA ARG A 102 -12.80 10.35 0.72
C ARG A 102 -13.60 10.57 2.01
N HIS A 103 -14.12 9.50 2.59
CA HIS A 103 -14.83 9.59 3.88
C HIS A 103 -13.93 10.08 5.03
N CYS A 104 -12.66 9.72 4.98
CA CYS A 104 -11.68 10.14 5.99
C CYS A 104 -11.31 11.61 5.82
N ASN A 105 -11.21 12.05 4.57
CA ASN A 105 -10.52 13.31 4.25
C ASN A 105 -11.07 14.52 4.99
N GLY A 106 -10.16 15.38 5.43
CA GLY A 106 -10.46 16.40 6.41
C GLY A 106 -9.98 15.99 7.79
N LYS A 107 -10.10 14.71 8.12
CA LYS A 107 -9.90 14.27 9.51
C LYS A 107 -8.60 13.51 9.76
N LEU A 108 -7.77 13.37 8.74
CA LEU A 108 -6.44 12.76 8.87
C LEU A 108 -5.41 13.86 9.06
N GLY A 109 -4.94 14.04 10.28
CA GLY A 109 -4.12 15.20 10.63
C GLY A 109 -4.78 16.48 10.13
N SER A 110 -4.01 17.33 9.46
CA SER A 110 -4.53 18.52 8.78
C SER A 110 -4.36 18.42 7.26
N TYR A 111 -4.20 17.19 6.75
CA TYR A 111 -3.99 16.98 5.33
C TYR A 111 -5.30 17.15 4.59
N LYS A 112 -5.22 17.73 3.40
CA LYS A 112 -6.34 17.80 2.50
C LYS A 112 -5.93 17.00 1.28
N ILE A 113 -6.45 15.78 1.20
CA ILE A 113 -6.06 14.84 0.17
C ILE A 113 -6.82 15.15 -1.13
N ASN A 114 -6.06 15.49 -2.19
CA ASN A 114 -6.65 15.88 -3.49
C ASN A 114 -6.23 14.97 -4.64
N GLY A 115 -5.77 13.76 -4.29
CA GLY A 115 -5.33 12.85 -5.31
C GLY A 115 -4.42 11.76 -4.80
N ARG A 116 -3.96 10.93 -5.73
CA ARG A 116 -3.13 9.80 -5.44
C ARG A 116 -2.23 9.47 -6.62
N THR A 117 -1.29 8.57 -6.37
CA THR A 117 -0.55 7.93 -7.43
C THR A 117 -1.40 6.83 -8.08
N LYS A 118 -0.90 6.31 -9.19
CA LYS A 118 -1.35 5.02 -9.70
C LYS A 118 -0.92 3.91 -8.73
N ALA A 119 -1.41 2.70 -8.98
CA ALA A 119 -1.10 1.55 -8.17
C ALA A 119 0.24 0.96 -8.55
N MET A 120 1.11 0.79 -7.55
CA MET A 120 2.36 0.06 -7.71
C MET A 120 2.18 -1.39 -7.24
N VAL A 121 2.04 -2.29 -8.20
CA VAL A 121 2.01 -3.72 -7.95
C VAL A 121 3.45 -4.19 -7.78
N ALA A 122 3.77 -4.78 -6.62
CA ALA A 122 5.15 -5.23 -6.35
C ALA A 122 5.22 -6.74 -6.06
N CYS A 123 6.34 -7.33 -6.44
CA CYS A 123 6.55 -8.78 -6.30
C CYS A 123 7.94 -9.00 -5.70
N TYR A 124 8.00 -9.71 -4.58
CA TYR A 124 9.27 -10.21 -4.01
C TYR A 124 9.37 -11.67 -4.38
N PRO A 125 10.28 -12.01 -5.33
CA PRO A 125 10.27 -13.35 -5.94
C PRO A 125 10.87 -14.44 -5.09
N GLY A 126 10.60 -14.46 -3.79
CA GLY A 126 11.26 -15.40 -2.89
C GLY A 126 12.76 -15.13 -2.89
N ASN A 127 13.54 -16.17 -2.64
CA ASN A 127 15.02 -16.10 -2.62
C ASN A 127 15.60 -15.13 -1.59
N GLY A 128 14.85 -14.85 -0.53
CA GLY A 128 15.35 -14.01 0.56
C GLY A 128 15.41 -12.52 0.23
N THR A 129 14.65 -12.11 -0.78
CA THR A 129 14.60 -10.72 -1.20
C THR A 129 13.74 -9.89 -0.26
N GLY A 130 14.02 -8.59 -0.18
CA GLY A 130 13.25 -7.67 0.64
C GLY A 130 13.56 -6.22 0.32
N TYR A 131 13.40 -5.35 1.31
CA TYR A 131 13.58 -3.92 1.12
C TYR A 131 14.16 -3.37 2.41
N VAL A 132 15.35 -2.76 2.34
CA VAL A 132 16.00 -2.19 3.52
C VAL A 132 15.17 -1.08 4.18
N ARG A 133 15.53 -0.69 5.40
CA ARG A 133 14.79 0.30 6.12
C ARG A 133 14.81 1.61 5.38
N HIS A 134 13.64 2.23 5.30
CA HIS A 134 13.48 3.42 4.49
C HIS A 134 12.21 4.12 4.90
N VAL A 135 12.19 5.40 4.54
CA VAL A 135 11.05 6.27 4.64
C VAL A 135 10.53 6.47 3.21
N ASP A 136 9.22 6.34 3.01
CA ASP A 136 8.62 6.48 1.66
C ASP A 136 8.78 7.90 1.10
N ASN A 137 8.49 8.91 1.94
CA ASN A 137 8.54 10.31 1.56
C ASN A 137 9.40 11.11 2.55
N PRO A 138 10.74 11.04 2.39
CA PRO A 138 11.59 11.74 3.34
C PRO A 138 11.81 13.22 3.04
N ASN A 139 11.64 13.62 1.78
CA ASN A 139 11.92 14.99 1.31
C ASN A 139 10.70 15.81 0.88
N GLY A 140 9.55 15.56 1.50
CA GLY A 140 8.36 16.36 1.24
C GLY A 140 7.90 16.41 -0.21
N ASP A 141 7.75 15.24 -0.83
CA ASP A 141 7.24 15.16 -2.22
C ASP A 141 5.72 15.15 -2.32
N GLY A 142 5.03 15.39 -1.19
CA GLY A 142 3.59 15.52 -1.19
C GLY A 142 2.77 14.32 -0.73
N ARG A 143 3.37 13.13 -0.69
CA ARG A 143 2.66 11.90 -0.29
C ARG A 143 2.53 11.80 1.23
N CYS A 144 1.30 11.81 1.73
CA CYS A 144 1.04 11.83 3.18
C CYS A 144 0.65 10.47 3.77
N VAL A 145 -0.12 9.70 3.01
CA VAL A 145 -0.52 8.36 3.44
C VAL A 145 -0.12 7.26 2.43
N THR A 146 0.45 6.19 2.98
CA THR A 146 0.73 4.98 2.22
C THR A 146 -0.35 3.98 2.54
N CYS A 147 -0.93 3.43 1.48
CA CYS A 147 -2.00 2.46 1.55
C CYS A 147 -1.56 1.20 0.79
N ILE A 148 -1.45 0.08 1.49
CA ILE A 148 -0.98 -1.19 0.89
C ILE A 148 -2.04 -2.29 1.06
N TYR A 149 -2.32 -3.01 -0.02
CA TYR A 149 -3.20 -4.17 0.00
C TYR A 149 -2.40 -5.45 -0.27
N TYR A 150 -2.53 -6.47 0.58
CA TYR A 150 -1.81 -7.76 0.37
C TYR A 150 -2.75 -8.85 -0.15
N LEU A 151 -2.21 -9.77 -0.94
CA LEU A 151 -3.02 -10.77 -1.63
C LEU A 151 -2.45 -12.21 -1.56
N ASN A 152 -1.62 -12.50 -0.57
CA ASN A 152 -0.92 -13.78 -0.51
C ASN A 152 -1.65 -14.85 0.33
N LYS A 153 -2.39 -15.74 -0.33
CA LYS A 153 -3.17 -16.80 0.35
C LYS A 153 -2.31 -17.70 1.24
N ASP A 154 -2.80 -18.03 2.43
CA ASP A 154 -2.13 -18.93 3.37
C ASP A 154 -0.68 -18.54 3.66
N TRP A 155 -0.37 -17.25 3.70
CA TRP A 155 0.99 -16.84 4.02
C TRP A 155 1.31 -17.15 5.47
N ASP A 156 2.48 -17.73 5.70
CA ASP A 156 2.95 -18.11 7.03
C ASP A 156 4.36 -17.55 7.22
N ALA A 157 4.47 -16.49 8.04
CA ALA A 157 5.73 -15.74 8.17
C ALA A 157 6.82 -16.56 8.87
N LYS A 158 6.40 -17.54 9.66
CA LYS A 158 7.32 -18.50 10.29
C LYS A 158 8.21 -19.18 9.26
N VAL A 159 7.62 -19.50 8.12
CA VAL A 159 8.26 -20.26 7.07
C VAL A 159 8.77 -19.37 5.93
N SER A 160 7.93 -18.43 5.52
CA SER A 160 8.17 -17.65 4.32
C SER A 160 8.71 -16.24 4.59
N GLY A 161 8.78 -15.84 5.85
CA GLY A 161 9.22 -14.50 6.23
C GLY A 161 8.33 -13.39 5.66
N GLY A 162 8.96 -12.38 5.07
CA GLY A 162 8.24 -11.35 4.31
C GLY A 162 7.48 -10.33 5.13
N ILE A 163 7.83 -10.21 6.41
CA ILE A 163 7.11 -9.31 7.31
C ILE A 163 7.46 -7.86 7.01
N LEU A 164 6.45 -7.00 7.06
CA LEU A 164 6.69 -5.57 7.02
C LEU A 164 6.84 -5.15 8.47
N ARG A 165 8.00 -4.59 8.80
CA ARG A 165 8.26 -4.12 10.14
C ARG A 165 8.32 -2.61 10.10
N ILE A 166 7.50 -1.98 10.92
CA ILE A 166 7.41 -0.51 10.95
C ILE A 166 7.91 -0.02 12.30
N PHE A 167 8.77 1.01 12.28
CA PHE A 167 9.36 1.57 13.49
C PHE A 167 8.90 3.00 13.74
N PRO A 168 7.69 3.18 14.31
CA PRO A 168 7.18 4.54 14.47
C PRO A 168 8.13 5.42 15.27
N GLU A 169 8.40 6.61 14.74
CA GLU A 169 9.42 7.50 15.26
C GLU A 169 9.09 8.03 16.65
N GLY A 170 9.97 7.70 17.58
CA GLY A 170 9.84 8.16 18.96
C GLY A 170 8.73 7.51 19.72
N LYS A 171 8.43 6.25 19.41
CA LYS A 171 7.50 5.47 20.21
C LYS A 171 8.23 4.29 20.80
N ALA A 172 7.78 3.84 21.96
CA ALA A 172 8.39 2.71 22.65
C ALA A 172 7.80 1.39 22.11
N GLN A 173 7.40 1.39 20.84
CA GLN A 173 6.77 0.23 20.23
C GLN A 173 7.14 0.15 18.74
N PHE A 174 6.97 -1.03 18.17
CA PHE A 174 7.08 -1.24 16.73
C PHE A 174 5.99 -2.21 16.24
N ALA A 175 5.79 -2.28 14.93
CA ALA A 175 4.68 -3.02 14.35
C ALA A 175 5.16 -4.08 13.36
N ASP A 176 4.66 -5.31 13.53
CA ASP A 176 4.99 -6.41 12.65
C ASP A 176 3.74 -6.71 11.84
N ILE A 177 3.78 -6.33 10.56
CA ILE A 177 2.66 -6.50 9.67
C ILE A 177 2.97 -7.65 8.71
N GLU A 178 2.17 -8.70 8.81
CA GLU A 178 2.31 -9.86 7.97
C GLU A 178 1.49 -9.62 6.70
N PRO A 179 2.02 -10.02 5.54
CA PRO A 179 1.38 -9.67 4.26
C PRO A 179 0.20 -10.60 3.90
N LYS A 180 -0.76 -10.72 4.82
CA LYS A 180 -1.80 -11.74 4.70
C LYS A 180 -2.80 -11.38 3.61
N PHE A 181 -3.39 -12.42 3.03
CA PHE A 181 -4.47 -12.28 2.03
C PHE A 181 -5.56 -11.30 2.48
N ASP A 182 -5.86 -10.34 1.61
CA ASP A 182 -7.00 -9.41 1.77
C ASP A 182 -6.86 -8.38 2.92
N ARG A 183 -5.62 -8.17 3.37
CA ARG A 183 -5.29 -7.15 4.37
C ARG A 183 -5.00 -5.81 3.69
N LEU A 184 -5.64 -4.76 4.19
CA LEU A 184 -5.39 -3.37 3.82
C LEU A 184 -4.61 -2.64 4.93
N LEU A 185 -3.58 -1.91 4.55
CA LEU A 185 -2.68 -1.24 5.50
C LEU A 185 -2.56 0.24 5.18
N PHE A 186 -2.73 1.08 6.20
CA PHE A 186 -2.53 2.53 6.11
C PHE A 186 -1.43 2.95 7.07
N PHE A 187 -0.50 3.78 6.59
CA PHE A 187 0.42 4.49 7.49
C PHE A 187 0.93 5.78 6.87
N TRP A 188 1.37 6.72 7.71
CA TRP A 188 1.90 8.01 7.21
C TRP A 188 3.19 7.75 6.46
N SER A 189 3.34 8.38 5.31
CA SER A 189 4.43 8.10 4.39
C SER A 189 5.75 8.77 4.78
N ASP A 190 5.70 9.74 5.68
CA ASP A 190 6.90 10.52 6.02
C ASP A 190 7.77 9.85 7.09
N ARG A 191 8.66 10.64 7.69
CA ARG A 191 9.68 10.13 8.62
C ARG A 191 9.12 9.58 9.91
N ARG A 192 7.84 9.85 10.20
CA ARG A 192 7.19 9.20 11.35
C ARG A 192 7.18 7.67 11.28
N ASN A 193 7.33 7.10 10.06
CA ASN A 193 7.27 5.63 9.89
C ASN A 193 8.32 5.01 8.99
N PRO A 194 9.58 4.95 9.45
CA PRO A 194 10.55 4.12 8.74
C PRO A 194 10.16 2.65 8.84
N HIS A 195 10.40 1.88 7.78
CA HIS A 195 9.94 0.49 7.75
C HIS A 195 10.79 -0.32 6.80
N GLU A 196 10.66 -1.64 6.88
CA GLU A 196 11.44 -2.54 6.04
C GLU A 196 10.68 -3.82 5.72
N VAL A 197 10.82 -4.30 4.50
CA VAL A 197 10.37 -5.64 4.15
C VAL A 197 11.52 -6.62 4.42
N GLN A 198 11.28 -7.51 5.38
CA GLN A 198 12.22 -8.54 5.74
C GLN A 198 12.24 -9.66 4.70
N PRO A 199 13.37 -10.41 4.63
CA PRO A 199 13.56 -11.45 3.64
C PRO A 199 12.34 -12.35 3.44
N ALA A 200 11.95 -12.49 2.17
CA ALA A 200 10.82 -13.34 1.79
C ALA A 200 11.34 -14.60 1.11
N TYR A 201 10.83 -15.76 1.56
CA TYR A 201 11.25 -17.06 1.02
C TYR A 201 10.15 -17.77 0.23
N ALA A 202 9.09 -17.04 -0.08
CA ALA A 202 8.09 -17.41 -1.06
C ALA A 202 7.69 -16.16 -1.86
N THR A 203 6.89 -16.36 -2.90
CA THR A 203 6.46 -15.26 -3.75
C THR A 203 5.46 -14.37 -3.03
N ARG A 204 5.78 -13.08 -2.95
CA ARG A 204 5.05 -12.13 -2.12
C ARG A 204 4.55 -10.96 -2.98
N TYR A 205 3.22 -10.82 -3.03
CA TYR A 205 2.55 -9.75 -3.76
C TYR A 205 1.93 -8.70 -2.86
N ALA A 206 1.85 -7.48 -3.37
CA ALA A 206 1.32 -6.34 -2.63
C ALA A 206 1.02 -5.21 -3.64
N ILE A 207 0.02 -4.41 -3.35
CA ILE A 207 -0.35 -3.30 -4.20
C ILE A 207 -0.41 -2.03 -3.34
N THR A 208 0.43 -1.06 -3.68
CA THR A 208 0.55 0.19 -2.94
C THR A 208 0.00 1.37 -3.74
N VAL A 209 -0.76 2.22 -3.06
CA VAL A 209 -1.13 3.53 -3.56
C VAL A 209 -0.70 4.55 -2.50
N TRP A 210 -0.21 5.70 -2.94
CA TRP A 210 0.10 6.80 -2.02
C TRP A 210 -0.86 7.94 -2.28
N TYR A 211 -1.31 8.59 -1.21
CA TYR A 211 -2.24 9.73 -1.32
C TYR A 211 -1.49 11.06 -1.12
N PHE A 212 -1.90 12.09 -1.86
CA PHE A 212 -1.24 13.39 -1.86
C PHE A 212 -1.99 14.41 -1.01
N ASP A 213 -1.25 15.14 -0.18
CA ASP A 213 -1.78 16.32 0.49
C ASP A 213 -1.66 17.52 -0.44
N ALA A 214 -2.75 18.26 -0.60
CA ALA A 214 -2.78 19.35 -1.58
C ALA A 214 -1.68 20.38 -1.34
N ASP A 215 -1.46 20.76 -0.08
CA ASP A 215 -0.48 21.81 0.27
C ASP A 215 0.99 21.39 0.09
N GLU A 216 1.36 20.22 0.62
CA GLU A 216 2.73 19.70 0.48
C GLU A 216 3.11 19.46 -0.99
N ARG A 217 2.14 18.93 -1.76
CA ARG A 217 2.31 18.70 -3.20
C ARG A 217 2.63 20.00 -3.95
N ALA A 218 1.85 21.05 -3.72
CA ALA A 218 2.03 22.34 -4.41
C ALA A 218 3.39 22.97 -4.16
N ARG A 219 3.93 22.72 -2.96
CA ARG A 219 5.24 23.27 -2.56
C ARG A 219 6.41 22.32 -2.81
N ALA A 220 6.16 21.16 -3.41
CA ALA A 220 7.22 20.15 -3.60
C ALA A 220 8.25 20.60 -4.64
N LYS A 221 9.52 20.30 -4.39
CA LYS A 221 10.58 20.63 -5.33
C LYS A 221 10.63 19.67 -6.52
N VAL A 222 11.07 20.21 -7.65
CA VAL A 222 11.13 19.48 -8.91
C VAL A 222 12.13 18.33 -8.83
N GLY A 227 9.63 11.02 -11.52
CA GLY A 227 9.18 9.62 -11.39
C GLY A 227 7.67 9.46 -11.48
N GLU A 228 7.22 8.22 -11.58
CA GLU A 228 5.81 7.88 -11.58
C GLU A 228 5.16 8.10 -10.21
N LYS A 229 6.00 8.07 -9.16
CA LYS A 229 5.59 8.47 -7.82
C LYS A 229 5.16 9.95 -7.77
N GLY A 230 5.50 10.73 -8.79
CA GLY A 230 5.22 12.16 -8.82
C GLY A 230 3.93 12.58 -9.52
N VAL A 231 3.21 11.63 -10.12
CA VAL A 231 1.95 11.93 -10.81
C VAL A 231 0.75 11.81 -9.87
N ARG A 232 -0.03 12.89 -9.80
CA ARG A 232 -1.25 12.92 -9.00
C ARG A 232 -2.47 12.71 -9.89
N VAL A 233 -3.12 11.56 -9.73
CA VAL A 233 -4.39 11.27 -10.37
C VAL A 233 -5.49 11.74 -9.43
N GLU A 234 -6.68 11.99 -9.96
CA GLU A 234 -7.85 12.25 -9.13
C GLU A 234 -8.31 10.94 -8.47
N LEU A 235 -8.93 11.04 -7.30
CA LEU A 235 -9.57 9.87 -6.68
C LEU A 235 -10.75 9.41 -7.53
N ASN A 236 -10.96 8.09 -7.58
CA ASN A 236 -12.17 7.53 -8.17
C ASN A 236 -13.42 7.99 -7.41
N LYS A 237 -14.52 8.13 -8.14
CA LYS A 237 -15.79 8.60 -7.60
C LYS A 237 -16.64 7.43 -7.14
#